data_9G3W
#
_entry.id   9G3W
#
_cell.length_a   53.800
_cell.length_b   83.500
_cell.length_c   100.700
_cell.angle_alpha   90.00
_cell.angle_beta   90.00
_cell.angle_gamma   90.00
#
_symmetry.space_group_name_H-M   'P 21 21 21'
#
loop_
_entity.id
_entity.type
_entity.pdbx_description
1 polymer 'Gamma-crystallin D'
2 non-polymer '5-MERCAPTO-2-NITRO-BENZOIC ACID'
3 water water
#
_entity_poly.entity_id   1
_entity_poly.type   'polypeptide(L)'
_entity_poly.pdbx_seq_one_letter_code
;MGSSHHHHHHSSGLVPRGSHMGKITLYEDRGFQGRHYECSSDHPNLQPYLSRCNSASVDSGCWMLYEQPNYSGLQYFLRR
GDYADHQQWMGLSDSVRSCRLIPHSGSHRIRLYEREDYRGQMIEFTEDCS(CSO)LQDRFRFNEIHSLNVLEGSWVLYEL
SNYRGRQYLLMPGDYRRYQDWGATNARVGSLRRVIDFS
;
_entity_poly.pdbx_strand_id   X,A
#
# COMPACT_ATOMS: atom_id res chain seq x y z
N MET A 21 -20.64 -19.44 -2.32
CA MET A 21 -20.19 -20.84 -2.14
C MET A 21 -18.69 -20.92 -2.39
N GLY A 22 -18.14 -22.12 -2.17
CA GLY A 22 -16.77 -22.39 -2.54
C GLY A 22 -16.55 -23.90 -2.54
N LYS A 23 -15.38 -24.31 -3.01
CA LYS A 23 -15.12 -25.73 -3.13
C LYS A 23 -13.63 -25.92 -3.12
N ILE A 24 -13.16 -26.78 -2.21
CA ILE A 24 -11.75 -27.12 -2.14
C ILE A 24 -11.66 -28.65 -2.03
N THR A 25 -10.66 -29.22 -2.68
CA THR A 25 -10.38 -30.63 -2.54
C THR A 25 -9.01 -30.74 -1.89
N LEU A 26 -9.02 -31.43 -0.74
CA LEU A 26 -7.85 -31.61 0.08
C LEU A 26 -7.36 -33.05 -0.13
N TYR A 27 -6.06 -33.18 -0.41
CA TYR A 27 -5.42 -34.47 -0.62
C TYR A 27 -4.38 -34.76 0.44
N GLU A 28 -4.33 -36.04 0.85
CA GLU A 28 -3.38 -36.44 1.87
C GLU A 28 -1.95 -36.41 1.36
N ASP A 29 -1.76 -36.67 0.06
CA ASP A 29 -0.44 -36.86 -0.50
C ASP A 29 -0.16 -35.71 -1.46
N ARG A 30 1.12 -35.56 -1.76
CA ARG A 30 1.63 -34.58 -2.70
C ARG A 30 1.07 -34.86 -4.08
N GLY A 31 0.99 -33.80 -4.89
CA GLY A 31 0.68 -33.95 -6.29
C GLY A 31 -0.70 -34.56 -6.52
N PHE A 32 -1.63 -34.28 -5.61
CA PHE A 32 -3.05 -34.52 -5.80
C PHE A 32 -3.28 -36.02 -5.82
N GLN A 33 -2.57 -36.69 -4.93
CA GLN A 33 -2.70 -38.12 -4.78
C GLN A 33 -3.23 -38.38 -3.38
N GLY A 34 -3.66 -39.60 -3.20
CA GLY A 34 -4.02 -40.12 -1.91
C GLY A 34 -5.48 -39.87 -1.63
N ARG A 35 -5.88 -40.17 -0.40
CA ARG A 35 -7.24 -39.94 0.04
C ARG A 35 -7.54 -38.45 -0.04
N HIS A 36 -8.79 -38.14 -0.35
CA HIS A 36 -9.14 -36.75 -0.62
C HIS A 36 -10.55 -36.52 -0.13
N TYR A 37 -10.84 -35.25 0.09
CA TYR A 37 -12.15 -34.82 0.49
C TYR A 37 -12.44 -33.48 -0.16
N GLU A 38 -13.68 -33.35 -0.64
CA GLU A 38 -14.20 -32.16 -1.26
C GLU A 38 -15.05 -31.41 -0.24
N CYS A 39 -14.66 -30.18 0.10
CA CYS A 39 -15.31 -29.38 1.13
C CYS A 39 -15.95 -28.16 0.49
N SER A 40 -17.18 -27.85 0.91
CA SER A 40 -18.03 -26.79 0.37
C SER A 40 -18.22 -25.69 1.40
N SER A 41 -17.76 -25.91 2.63
CA SER A 41 -18.02 -24.93 3.66
C SER A 41 -16.98 -25.09 4.73
N ASP A 42 -17.08 -24.21 5.72
CA ASP A 42 -16.30 -24.27 6.94
C ASP A 42 -16.32 -25.67 7.53
N HIS A 43 -15.14 -26.17 7.88
CA HIS A 43 -15.03 -27.46 8.51
C HIS A 43 -14.11 -27.31 9.70
N PRO A 44 -14.64 -27.33 10.93
CA PRO A 44 -13.83 -27.07 12.09
C PRO A 44 -12.98 -28.26 12.50
N ASN A 45 -13.21 -29.43 11.89
CA ASN A 45 -12.51 -30.61 12.34
C ASN A 45 -12.34 -31.60 11.20
N LEU A 46 -11.16 -31.58 10.59
CA LEU A 46 -10.83 -32.49 9.50
C LEU A 46 -10.22 -33.80 9.99
N GLN A 47 -9.93 -33.92 11.28
CA GLN A 47 -9.11 -35.02 11.73
C GLN A 47 -9.75 -36.38 11.47
N PRO A 48 -11.08 -36.56 11.61
CA PRO A 48 -11.69 -37.85 11.29
C PRO A 48 -11.51 -38.27 9.83
N TYR A 49 -11.18 -37.32 8.96
CA TYR A 49 -11.22 -37.58 7.53
C TYR A 49 -9.83 -37.64 6.92
N LEU A 50 -8.94 -36.70 7.30
CA LEU A 50 -7.66 -36.55 6.66
C LEU A 50 -6.65 -36.56 7.79
N SER A 51 -5.62 -37.40 7.69
CA SER A 51 -4.58 -37.42 8.71
C SER A 51 -3.48 -36.42 8.35
N ARG A 52 -3.48 -35.94 7.10
CA ARG A 52 -2.53 -34.93 6.67
C ARG A 52 -3.02 -34.34 5.35
N CYS A 53 -2.40 -33.23 4.95
CA CYS A 53 -2.78 -32.56 3.75
C CYS A 53 -1.56 -32.04 3.05
N ASN A 54 -1.27 -32.62 1.87
CA ASN A 54 -0.05 -32.31 1.17
C ASN A 54 -0.32 -31.69 -0.19
N SER A 55 -1.59 -31.57 -0.54
CA SER A 55 -1.94 -30.82 -1.73
C SER A 55 -3.41 -30.49 -1.65
N ALA A 56 -3.77 -29.45 -2.38
CA ALA A 56 -5.12 -28.96 -2.36
C ALA A 56 -5.42 -28.33 -3.70
N SER A 57 -6.68 -28.48 -4.12
CA SER A 57 -7.17 -27.81 -5.29
C SER A 57 -8.39 -26.99 -4.87
N VAL A 58 -8.28 -25.69 -5.10
CA VAL A 58 -9.30 -24.75 -4.76
C VAL A 58 -10.00 -24.44 -6.07
N ASP A 59 -11.19 -24.98 -6.19
CA ASP A 59 -12.06 -24.77 -7.33
C ASP A 59 -12.65 -23.37 -7.23
N SER A 60 -13.04 -22.97 -6.03
CA SER A 60 -13.64 -21.65 -5.85
C SER A 60 -13.61 -21.22 -4.40
N GLY A 61 -13.63 -19.92 -4.20
CA GLY A 61 -13.61 -19.37 -2.86
C GLY A 61 -12.19 -19.06 -2.41
N CYS A 62 -12.10 -18.24 -1.35
CA CYS A 62 -10.86 -17.99 -0.65
C CYS A 62 -10.96 -18.77 0.64
N TRP A 63 -9.90 -19.48 0.96
CA TRP A 63 -9.97 -20.41 2.06
C TRP A 63 -8.86 -20.07 3.00
N MET A 64 -9.15 -20.26 4.29
CA MET A 64 -8.09 -20.27 5.26
C MET A 64 -7.99 -21.69 5.78
N LEU A 65 -6.79 -22.25 5.65
CA LEU A 65 -6.45 -23.54 6.22
C LEU A 65 -5.77 -23.28 7.55
N TYR A 66 -6.04 -24.19 8.48
CA TYR A 66 -5.56 -24.05 9.83
C TYR A 66 -4.84 -25.34 10.18
N GLU A 67 -3.70 -25.18 10.82
CA GLU A 67 -2.91 -26.29 11.29
C GLU A 67 -3.68 -27.09 12.32
N GLN A 68 -4.47 -26.39 13.15
CA GLN A 68 -5.14 -27.00 14.28
CA GLN A 68 -5.14 -27.00 14.29
C GLN A 68 -6.65 -26.97 14.07
N PRO A 69 -7.40 -27.82 14.80
CA PRO A 69 -8.84 -27.83 14.61
C PRO A 69 -9.45 -26.54 15.12
N ASN A 70 -10.68 -26.27 14.73
CA ASN A 70 -11.47 -25.16 15.24
C ASN A 70 -10.76 -23.83 14.92
N TYR A 71 -10.16 -23.78 13.73
CA TYR A 71 -9.60 -22.55 13.18
C TYR A 71 -8.57 -21.93 14.13
N SER A 72 -7.61 -22.73 14.56
CA SER A 72 -6.53 -22.23 15.37
C SER A 72 -5.21 -22.74 14.83
N GLY A 73 -4.13 -22.24 15.42
CA GLY A 73 -2.79 -22.56 15.01
C GLY A 73 -2.41 -21.73 13.79
N LEU A 74 -1.35 -22.16 13.12
CA LEU A 74 -0.91 -21.51 11.90
C LEU A 74 -2.03 -21.47 10.87
N GLN A 75 -2.09 -20.34 10.19
CA GLN A 75 -3.13 -20.06 9.24
C GLN A 75 -2.47 -19.89 7.90
N TYR A 76 -3.14 -20.39 6.87
CA TYR A 76 -2.64 -20.29 5.52
C TYR A 76 -3.77 -19.89 4.62
N PHE A 77 -3.52 -18.81 3.89
CA PHE A 77 -4.47 -18.32 2.93
C PHE A 77 -4.32 -19.05 1.60
N LEU A 78 -5.45 -19.49 1.06
CA LEU A 78 -5.46 -20.14 -0.24
C LEU A 78 -6.56 -19.52 -1.07
N ARG A 79 -6.22 -19.26 -2.33
CA ARG A 79 -7.23 -18.83 -3.27
C ARG A 79 -7.29 -19.86 -4.40
N ARG A 80 -8.18 -19.60 -5.34
CA ARG A 80 -8.44 -20.47 -6.46
C ARG A 80 -7.12 -20.90 -7.08
N GLY A 81 -6.97 -22.20 -7.33
CA GLY A 81 -5.73 -22.68 -7.91
C GLY A 81 -5.38 -24.03 -7.32
N ASP A 82 -4.24 -24.56 -7.73
CA ASP A 82 -3.84 -25.89 -7.35
C ASP A 82 -2.52 -25.78 -6.63
N TYR A 83 -2.41 -26.53 -5.55
CA TYR A 83 -1.20 -26.50 -4.75
C TYR A 83 -0.71 -27.92 -4.60
N ALA A 84 0.42 -28.23 -5.25
CA ALA A 84 0.91 -29.59 -5.41
C ALA A 84 1.63 -30.09 -4.17
N ASP A 85 2.00 -29.16 -3.30
CA ASP A 85 2.57 -29.50 -2.01
C ASP A 85 2.30 -28.34 -1.04
N HIS A 86 2.50 -28.63 0.22
CA HIS A 86 2.09 -27.69 1.24
C HIS A 86 2.99 -26.46 1.23
N GLN A 87 4.24 -26.57 0.76
CA GLN A 87 5.11 -25.42 0.66
C GLN A 87 4.50 -24.36 -0.25
N GLN A 88 3.62 -24.75 -1.17
CA GLN A 88 3.04 -23.79 -2.09
C GLN A 88 2.02 -22.89 -1.40
N TRP A 89 1.47 -23.30 -0.26
CA TRP A 89 0.66 -22.34 0.48
C TRP A 89 1.45 -21.80 1.67
N MET A 90 2.78 -21.97 1.66
CA MET A 90 3.65 -21.47 2.72
C MET A 90 3.48 -22.32 3.98
N GLY A 91 3.00 -23.56 3.83
CA GLY A 91 2.80 -24.41 4.97
C GLY A 91 4.14 -24.87 5.50
N LEU A 92 4.27 -24.84 6.83
CA LEU A 92 5.47 -25.30 7.50
C LEU A 92 5.39 -26.82 7.67
N SER A 93 4.19 -27.39 7.53
CA SER A 93 3.96 -28.82 7.69
C SER A 93 2.76 -29.24 6.84
N ASP A 94 2.43 -30.52 6.89
CA ASP A 94 1.28 -31.05 6.16
C ASP A 94 0.08 -31.17 7.09
N SER A 95 0.14 -30.47 8.21
CA SER A 95 -0.93 -30.54 9.17
C SER A 95 -2.00 -29.50 8.80
N VAL A 96 -3.16 -30.00 8.41
CA VAL A 96 -4.29 -29.15 8.15
C VAL A 96 -5.48 -29.79 8.84
N ARG A 97 -6.07 -29.10 9.80
CA ARG A 97 -7.10 -29.75 10.61
C ARG A 97 -8.41 -28.96 10.65
N SER A 98 -8.44 -27.76 10.08
CA SER A 98 -9.69 -27.09 9.85
C SER A 98 -9.52 -26.18 8.66
N CYS A 99 -10.65 -25.80 8.07
CA CYS A 99 -10.62 -24.89 6.95
C CYS A 99 -11.89 -24.04 7.00
N ARG A 100 -11.71 -22.80 6.56
CA ARG A 100 -12.76 -21.83 6.59
C ARG A 100 -12.85 -21.22 5.20
N LEU A 101 -14.08 -21.12 4.70
CA LEU A 101 -14.37 -20.33 3.53
C LEU A 101 -14.51 -18.87 3.96
N ILE A 102 -13.64 -18.00 3.43
CA ILE A 102 -13.62 -16.62 3.89
C ILE A 102 -14.75 -15.90 3.16
N PRO A 103 -15.66 -15.21 3.85
CA PRO A 103 -16.73 -14.49 3.18
C PRO A 103 -16.20 -13.45 2.19
N HIS A 104 -16.85 -13.39 1.04
CA HIS A 104 -16.51 -12.45 -0.01
C HIS A 104 -16.75 -11.05 0.55
N SER A 105 -15.90 -10.08 0.19
CA SER A 105 -16.24 -8.70 0.49
C SER A 105 -16.13 -7.90 -0.78
N GLY A 106 -16.96 -6.89 -0.95
CA GLY A 106 -16.92 -6.11 -2.17
C GLY A 106 -16.08 -4.84 -2.05
N SER A 107 -15.55 -4.55 -0.86
CA SER A 107 -14.60 -3.46 -0.74
C SER A 107 -13.68 -3.72 0.44
N HIS A 108 -12.56 -3.00 0.49
CA HIS A 108 -11.50 -3.22 1.45
C HIS A 108 -10.97 -1.88 1.92
N ARG A 109 -10.81 -1.78 3.23
CA ARG A 109 -10.25 -0.61 3.85
C ARG A 109 -9.80 -1.01 5.24
N ILE A 110 -8.57 -0.62 5.55
CA ILE A 110 -7.97 -0.94 6.81
C ILE A 110 -7.16 0.26 7.27
N ARG A 111 -7.25 0.52 8.55
CA ARG A 111 -6.41 1.51 9.20
C ARG A 111 -5.46 0.79 10.13
N LEU A 112 -4.18 1.16 10.05
CA LEU A 112 -3.15 0.64 10.91
CA LEU A 112 -3.14 0.64 10.91
C LEU A 112 -2.64 1.76 11.80
N TYR A 113 -2.40 1.42 13.05
CA TYR A 113 -1.96 2.37 14.05
C TYR A 113 -0.64 1.95 14.67
N GLU A 114 0.13 2.97 15.00
CA GLU A 114 1.43 2.83 15.62
C GLU A 114 1.28 2.20 17.00
N ARG A 115 0.29 2.64 17.75
CA ARG A 115 0.13 2.25 19.13
C ARG A 115 -1.24 1.60 19.30
N GLU A 116 -1.43 1.02 20.48
CA GLU A 116 -2.63 0.29 20.85
C GLU A 116 -3.82 1.25 20.92
N ASP A 117 -5.02 0.69 20.76
CA ASP A 117 -6.27 1.43 21.00
C ASP A 117 -6.37 2.63 20.06
N TYR A 118 -5.85 2.44 18.85
CA TYR A 118 -6.03 3.40 17.79
C TYR A 118 -5.39 4.73 18.16
N ARG A 119 -4.19 4.68 18.74
CA ARG A 119 -3.46 5.87 19.09
C ARG A 119 -2.23 5.94 18.24
N GLY A 120 -1.67 7.16 18.18
CA GLY A 120 -0.44 7.42 17.48
C GLY A 120 -0.71 7.52 15.99
N GLN A 121 0.36 7.43 15.24
CA GLN A 121 0.29 7.55 13.80
C GLN A 121 -0.57 6.45 13.20
N MET A 122 -1.28 6.82 12.15
CA MET A 122 -2.24 5.95 11.50
C MET A 122 -1.96 6.04 10.01
N ILE A 123 -2.22 4.93 9.32
CA ILE A 123 -2.21 4.93 7.88
C ILE A 123 -3.41 4.10 7.49
N GLU A 124 -4.00 4.47 6.38
CA GLU A 124 -5.18 3.80 5.89
C GLU A 124 -4.90 3.26 4.49
N PHE A 125 -5.20 1.98 4.28
CA PHE A 125 -4.98 1.33 3.00
C PHE A 125 -6.29 0.79 2.45
N THR A 126 -6.35 0.76 1.13
CA THR A 126 -7.45 0.13 0.41
C THR A 126 -6.91 -0.91 -0.57
N GLU A 127 -5.59 -1.07 -0.64
N GLU A 127 -5.58 -1.05 -0.67
CA GLU A 127 -4.95 -1.96 -1.58
CA GLU A 127 -4.97 -1.99 -1.60
C GLU A 127 -3.99 -2.86 -0.82
C GLU A 127 -3.99 -2.86 -0.82
N ASP A 128 -3.49 -3.87 -1.52
CA ASP A 128 -2.45 -4.76 -1.03
C ASP A 128 -1.17 -4.01 -0.74
N CYS A 129 -0.41 -4.51 0.22
CA CYS A 129 0.83 -3.86 0.59
C CYS A 129 1.89 -4.91 0.84
N SER A 130 2.81 -5.08 -0.12
CA SER A 130 3.89 -6.07 -0.02
C SER A 130 5.00 -5.70 0.96
N LEU A 132 5.08 -3.04 4.18
CA LEU A 132 4.46 -2.03 5.01
C LEU A 132 5.42 -0.88 5.25
N GLN A 133 6.66 -1.24 5.56
CA GLN A 133 7.59 -0.29 6.12
C GLN A 133 8.00 0.73 5.06
N ASP A 134 7.81 0.37 3.79
CA ASP A 134 7.92 1.32 2.70
C ASP A 134 6.96 2.52 2.87
N ARG A 135 5.78 2.30 3.45
CA ARG A 135 4.76 3.36 3.53
C ARG A 135 4.56 3.85 4.96
N PHE A 136 4.90 3.03 5.93
CA PHE A 136 4.61 3.37 7.30
C PHE A 136 5.76 2.85 8.13
N ARG A 137 6.56 3.77 8.66
CA ARG A 137 7.94 3.48 9.00
C ARG A 137 7.96 3.00 10.44
N PHE A 138 7.22 1.92 10.67
CA PHE A 138 7.10 1.27 11.95
C PHE A 138 7.13 -0.24 11.69
N ASN A 139 7.96 -0.95 12.44
CA ASN A 139 8.12 -2.38 12.27
C ASN A 139 6.97 -3.11 12.94
N GLU A 140 6.29 -2.39 13.83
CA GLU A 140 5.24 -2.94 14.64
C GLU A 140 3.98 -2.13 14.45
N ILE A 141 2.87 -2.87 14.35
CA ILE A 141 1.53 -2.32 14.25
C ILE A 141 0.76 -2.81 15.46
N HIS A 142 0.27 -1.87 16.27
CA HIS A 142 -0.23 -2.20 17.60
C HIS A 142 -1.74 -2.17 17.65
N SER A 143 -2.39 -1.62 16.63
CA SER A 143 -3.83 -1.80 16.57
C SER A 143 -4.24 -1.52 15.13
N LEU A 144 -5.42 -1.97 14.78
CA LEU A 144 -5.88 -1.77 13.45
C LEU A 144 -7.40 -1.88 13.45
N ASN A 145 -7.96 -1.13 12.53
CA ASN A 145 -9.40 -1.08 12.36
C ASN A 145 -9.69 -1.58 10.95
N VAL A 146 -10.31 -2.75 10.84
CA VAL A 146 -10.65 -3.29 9.55
C VAL A 146 -12.03 -2.76 9.22
N LEU A 147 -12.08 -1.67 8.46
CA LEU A 147 -13.34 -0.96 8.22
C LEU A 147 -14.16 -1.72 7.19
N GLU A 148 -13.46 -2.30 6.20
CA GLU A 148 -14.13 -2.98 5.11
C GLU A 148 -13.30 -4.17 4.65
N GLY A 149 -13.99 -5.29 4.44
CA GLY A 149 -13.43 -6.46 3.83
C GLY A 149 -12.58 -7.29 4.80
N SER A 150 -12.17 -8.45 4.29
CA SER A 150 -11.25 -9.35 4.95
C SER A 150 -9.88 -9.16 4.37
N TRP A 151 -8.87 -9.27 5.24
CA TRP A 151 -7.48 -9.09 4.88
C TRP A 151 -6.66 -10.21 5.47
N VAL A 152 -5.50 -10.43 4.89
CA VAL A 152 -4.51 -11.26 5.53
C VAL A 152 -3.30 -10.40 5.87
N LEU A 153 -2.93 -10.45 7.14
N LEU A 153 -2.98 -10.37 7.17
CA LEU A 153 -1.74 -9.75 7.63
CA LEU A 153 -1.72 -9.80 7.64
C LEU A 153 -0.60 -10.77 7.71
C LEU A 153 -0.64 -10.85 7.47
N TYR A 154 0.58 -10.36 7.22
CA TYR A 154 1.75 -11.21 7.17
C TYR A 154 2.83 -10.61 8.06
N GLU A 155 3.52 -11.49 8.74
CA GLU A 155 4.57 -11.08 9.65
C GLU A 155 5.72 -10.40 8.92
N LEU A 156 6.07 -10.93 7.74
CA LEU A 156 7.21 -10.46 6.99
C LEU A 156 6.71 -9.77 5.74
N SER A 157 7.61 -8.99 5.15
CA SER A 157 7.41 -8.39 3.85
C SER A 157 7.24 -9.50 2.82
N ASN A 158 6.62 -9.13 1.69
CA ASN A 158 6.44 -9.99 0.53
C ASN A 158 5.64 -11.22 0.89
N TYR A 159 4.67 -11.06 1.80
CA TYR A 159 3.68 -12.09 2.06
C TYR A 159 4.35 -13.36 2.55
N ARG A 160 5.30 -13.21 3.47
CA ARG A 160 5.99 -14.34 4.06
C ARG A 160 5.82 -14.28 5.57
N GLY A 161 6.20 -15.39 6.21
CA GLY A 161 6.05 -15.53 7.65
C GLY A 161 4.63 -15.90 8.02
N ARG A 162 4.28 -15.65 9.28
CA ARG A 162 3.00 -16.04 9.80
C ARG A 162 1.90 -15.18 9.19
N GLN A 163 0.73 -15.79 8.99
CA GLN A 163 -0.41 -15.13 8.40
C GLN A 163 -1.54 -15.08 9.41
N TYR A 164 -2.32 -14.00 9.33
CA TYR A 164 -3.42 -13.77 10.22
C TYR A 164 -4.56 -13.22 9.40
N LEU A 165 -5.66 -13.96 9.38
CA LEU A 165 -6.86 -13.52 8.73
C LEU A 165 -7.48 -12.41 9.55
N LEU A 166 -7.85 -11.30 8.90
CA LEU A 166 -8.60 -10.24 9.55
C LEU A 166 -9.96 -10.11 8.89
N MET A 167 -10.98 -10.21 9.71
CA MET A 167 -12.33 -9.92 9.30
C MET A 167 -12.68 -8.51 9.71
N PRO A 168 -13.73 -7.90 9.11
CA PRO A 168 -14.21 -6.59 9.53
C PRO A 168 -14.38 -6.49 11.04
N GLY A 169 -13.86 -5.39 11.59
CA GLY A 169 -14.02 -5.16 13.01
C GLY A 169 -12.82 -4.41 13.60
N ASP A 170 -12.89 -4.26 14.91
CA ASP A 170 -11.95 -3.48 15.68
C ASP A 170 -10.90 -4.40 16.26
N TYR A 171 -9.63 -4.02 16.15
CA TYR A 171 -8.56 -4.80 16.75
C TYR A 171 -7.64 -3.87 17.54
N ARG A 172 -7.87 -3.81 18.85
CA ARG A 172 -7.31 -2.74 19.67
C ARG A 172 -5.89 -3.09 20.06
N ARG A 173 -5.49 -4.37 19.86
CA ARG A 173 -4.14 -4.82 20.13
C ARG A 173 -3.85 -6.05 19.30
N TYR A 174 -2.56 -6.40 19.19
CA TYR A 174 -2.11 -7.40 18.24
C TYR A 174 -2.62 -8.79 18.64
N GLN A 175 -2.92 -8.98 19.93
CA GLN A 175 -3.47 -10.23 20.41
C GLN A 175 -4.83 -10.48 19.77
N ASP A 176 -5.55 -9.41 19.42
CA ASP A 176 -6.89 -9.56 18.89
C ASP A 176 -6.88 -10.23 17.51
N TRP A 177 -5.76 -10.21 16.77
CA TRP A 177 -5.77 -10.90 15.48
C TRP A 177 -4.97 -12.20 15.54
N GLY A 178 -4.65 -12.66 16.75
CA GLY A 178 -4.16 -14.01 16.97
C GLY A 178 -2.64 -14.09 16.91
N ALA A 179 -1.94 -12.95 16.90
CA ALA A 179 -0.49 -12.94 16.79
C ALA A 179 0.12 -12.89 18.19
N THR A 180 1.38 -13.30 18.28
CA THR A 180 2.10 -13.27 19.54
C THR A 180 3.08 -12.10 19.51
N ASN A 181 3.13 -11.37 18.39
CA ASN A 181 3.90 -10.14 18.31
C ASN A 181 3.17 -9.18 17.36
N ALA A 182 3.62 -7.92 17.34
CA ALA A 182 3.00 -6.86 16.56
C ALA A 182 3.75 -6.68 15.25
N ARG A 183 4.64 -7.61 14.92
CA ARG A 183 5.39 -7.47 13.69
C ARG A 183 4.46 -7.72 12.51
N VAL A 184 4.47 -6.76 11.59
CA VAL A 184 3.68 -6.82 10.37
C VAL A 184 4.59 -6.31 9.27
N GLY A 185 4.73 -7.10 8.21
CA GLY A 185 5.59 -6.72 7.11
C GLY A 185 4.81 -6.48 5.83
N SER A 186 3.60 -7.05 5.71
CA SER A 186 2.83 -6.95 4.49
C SER A 186 1.39 -7.35 4.78
N LEU A 187 0.51 -6.98 3.86
CA LEU A 187 -0.88 -7.34 4.05
C LEU A 187 -1.55 -7.32 2.70
N ARG A 188 -2.56 -8.18 2.56
CA ARG A 188 -3.27 -8.28 1.32
C ARG A 188 -4.76 -8.42 1.60
N ARG A 189 -5.54 -8.00 0.63
CA ARG A 189 -6.99 -8.15 0.67
C ARG A 189 -7.36 -9.59 0.33
N VAL A 190 -8.44 -10.05 0.94
CA VAL A 190 -8.97 -11.35 0.59
C VAL A 190 -9.91 -11.11 -0.58
N ILE A 191 -9.46 -11.47 -1.75
CA ILE A 191 -10.13 -11.14 -2.98
C ILE A 191 -9.64 -12.14 -4.03
N ASP A 192 -10.47 -12.35 -5.05
CA ASP A 192 -10.28 -13.37 -6.09
C ASP A 192 -9.14 -12.97 -7.04
N GLY B 22 -5.50 29.21 -7.44
CA GLY B 22 -5.89 27.86 -7.90
C GLY B 22 -7.13 27.32 -7.19
N LYS B 23 -7.71 26.25 -7.75
CA LYS B 23 -8.94 25.71 -7.25
C LYS B 23 -9.02 24.23 -7.61
N ILE B 24 -9.23 23.40 -6.58
CA ILE B 24 -9.38 21.97 -6.74
C ILE B 24 -10.60 21.55 -5.95
N THR B 25 -11.39 20.64 -6.54
CA THR B 25 -12.50 20.04 -5.83
C THR B 25 -12.16 18.57 -5.58
N LEU B 26 -12.20 18.20 -4.32
CA LEU B 26 -11.94 16.82 -3.93
C LEU B 26 -13.28 16.17 -3.60
N TYR B 27 -13.45 14.94 -4.08
CA TYR B 27 -14.64 14.17 -3.79
C TYR B 27 -14.29 12.88 -3.08
N GLU B 28 -15.17 12.47 -2.18
CA GLU B 28 -14.96 11.25 -1.43
C GLU B 28 -15.12 10.00 -2.29
N ASP B 29 -16.06 10.01 -3.23
CA ASP B 29 -16.35 8.82 -3.99
C ASP B 29 -15.82 8.94 -5.40
N ARG B 30 -15.71 7.80 -6.07
CA ARG B 30 -15.29 7.74 -7.45
C ARG B 30 -16.29 8.53 -8.30
N GLY B 31 -15.80 8.99 -9.45
CA GLY B 31 -16.66 9.62 -10.43
C GLY B 31 -17.38 10.87 -9.94
N PHE B 32 -16.67 11.67 -9.13
CA PHE B 32 -17.08 13.01 -8.78
C PHE B 32 -18.36 12.97 -7.96
N GLN B 33 -18.48 11.96 -7.11
CA GLN B 33 -19.67 11.82 -6.29
C GLN B 33 -19.26 11.89 -4.83
N GLY B 34 -20.29 12.11 -4.02
CA GLY B 34 -20.18 12.09 -2.58
C GLY B 34 -19.83 13.47 -2.06
N ARG B 35 -19.42 13.51 -0.81
CA ARG B 35 -19.10 14.76 -0.14
C ARG B 35 -17.88 15.35 -0.84
N HIS B 36 -17.88 16.68 -0.96
CA HIS B 36 -16.77 17.32 -1.65
C HIS B 36 -16.42 18.64 -0.98
N TYR B 37 -15.22 19.11 -1.32
CA TYR B 37 -14.71 20.39 -0.87
C TYR B 37 -13.95 21.05 -2.03
N GLU B 38 -14.28 22.33 -2.25
CA GLU B 38 -13.56 23.25 -3.11
C GLU B 38 -12.48 23.94 -2.30
N CYS B 39 -11.24 23.81 -2.75
CA CYS B 39 -10.08 24.30 -2.03
C CYS B 39 -9.26 25.22 -2.91
N SER B 40 -8.67 26.24 -2.27
CA SER B 40 -7.99 27.29 -3.03
C SER B 40 -6.68 27.70 -2.37
N SER B 41 -6.25 26.93 -1.38
CA SER B 41 -4.99 27.21 -0.74
C SER B 41 -4.51 25.91 -0.11
N ASP B 42 -3.29 26.00 0.46
CA ASP B 42 -2.65 24.91 1.16
C ASP B 42 -3.49 24.45 2.33
N HIS B 43 -3.67 23.13 2.45
CA HIS B 43 -4.33 22.57 3.61
C HIS B 43 -3.44 21.49 4.18
N PRO B 44 -2.77 21.78 5.30
CA PRO B 44 -1.97 20.74 5.94
C PRO B 44 -2.81 19.62 6.53
N ASN B 45 -4.12 19.82 6.65
CA ASN B 45 -4.94 18.85 7.34
C ASN B 45 -6.36 18.82 6.78
N LEU B 46 -6.62 17.84 5.92
CA LEU B 46 -7.91 17.72 5.25
C LEU B 46 -8.84 16.82 6.05
N GLN B 47 -8.32 16.22 7.10
CA GLN B 47 -9.06 15.17 7.76
C GLN B 47 -10.37 15.63 8.38
N PRO B 48 -10.53 16.88 8.85
CA PRO B 48 -11.82 17.30 9.38
C PRO B 48 -12.86 17.43 8.27
N TYR B 49 -12.41 17.41 7.03
CA TYR B 49 -13.27 17.77 5.91
C TYR B 49 -13.62 16.54 5.09
N LEU B 50 -12.64 15.66 4.85
CA LEU B 50 -12.81 14.53 3.93
C LEU B 50 -12.26 13.27 4.60
N SER B 51 -12.98 12.16 4.47
CA SER B 51 -12.58 10.90 5.05
C SER B 51 -11.78 10.07 4.04
N ARG B 52 -11.89 10.44 2.77
CA ARG B 52 -11.17 9.77 1.72
C ARG B 52 -11.32 10.65 0.48
N CYS B 53 -10.56 10.31 -0.55
CA CYS B 53 -10.63 11.07 -1.77
C CYS B 53 -10.49 10.12 -2.96
N ASN B 54 -11.55 9.97 -3.75
CA ASN B 54 -11.52 9.01 -4.84
C ASN B 54 -11.71 9.69 -6.18
N SER B 55 -11.91 11.01 -6.17
CA SER B 55 -11.92 11.73 -7.42
C SER B 55 -11.62 13.18 -7.11
N ALA B 56 -11.18 13.89 -8.14
CA ALA B 56 -10.76 15.27 -7.99
C ALA B 56 -10.91 15.95 -9.34
N SER B 57 -11.24 17.23 -9.27
CA SER B 57 -11.30 18.09 -10.42
C SER B 57 -10.45 19.30 -10.13
N VAL B 58 -9.39 19.47 -10.92
CA VAL B 58 -8.52 20.61 -10.74
C VAL B 58 -8.98 21.64 -11.75
N ASP B 59 -9.62 22.69 -11.25
CA ASP B 59 -9.98 23.82 -12.08
C ASP B 59 -8.72 24.58 -12.48
N SER B 60 -7.86 24.91 -11.51
CA SER B 60 -6.64 25.64 -11.82
C SER B 60 -5.61 25.41 -10.74
N GLY B 61 -4.36 25.71 -11.07
CA GLY B 61 -3.25 25.51 -10.16
C GLY B 61 -2.65 24.13 -10.38
N CYS B 62 -1.39 23.99 -9.99
CA CYS B 62 -0.79 22.70 -9.84
C CYS B 62 -0.81 22.38 -8.36
N TRP B 63 -1.19 21.13 -8.08
CA TRP B 63 -1.48 20.72 -6.73
C TRP B 63 -0.66 19.49 -6.42
N MET B 64 -0.18 19.45 -5.19
CA MET B 64 0.38 18.23 -4.64
C MET B 64 -0.58 17.69 -3.60
N LEU B 65 -1.01 16.45 -3.83
CA LEU B 65 -1.85 15.77 -2.88
C LEU B 65 -0.92 14.89 -2.07
N TYR B 66 -1.24 14.72 -0.81
CA TYR B 66 -0.42 13.90 0.05
C TYR B 66 -1.27 12.85 0.74
N GLU B 67 -0.72 11.64 0.82
CA GLU B 67 -1.37 10.55 1.52
C GLU B 67 -1.68 10.88 2.98
N GLN B 68 -0.70 11.47 3.65
CA GLN B 68 -0.78 11.73 5.07
C GLN B 68 -0.94 13.23 5.32
N PRO B 69 -1.32 13.61 6.55
CA PRO B 69 -1.46 15.00 6.91
C PRO B 69 -0.10 15.66 7.00
N ASN B 70 -0.10 16.98 6.93
CA ASN B 70 1.10 17.81 7.06
C ASN B 70 2.11 17.49 5.97
N TYR B 71 1.63 17.24 4.76
CA TYR B 71 2.49 17.12 3.60
C TYR B 71 3.45 15.94 3.76
N SER B 72 2.93 14.79 4.18
CA SER B 72 3.79 13.63 4.30
C SER B 72 3.12 12.44 3.65
N GLY B 73 3.83 11.32 3.64
CA GLY B 73 3.42 10.13 2.93
C GLY B 73 3.65 10.32 1.44
N LEU B 74 3.00 9.46 0.67
CA LEU B 74 3.13 9.53 -0.77
C LEU B 74 2.57 10.87 -1.21
N GLN B 75 3.19 11.35 -2.27
CA GLN B 75 2.89 12.63 -2.87
C GLN B 75 2.41 12.36 -4.27
N TYR B 76 1.42 13.13 -4.69
CA TYR B 76 0.90 12.96 -6.03
C TYR B 76 0.68 14.34 -6.64
N PHE B 77 1.21 14.50 -7.83
CA PHE B 77 1.16 15.75 -8.54
C PHE B 77 -0.09 15.71 -9.40
N LEU B 78 -0.88 16.75 -9.30
CA LEU B 78 -2.06 16.90 -10.14
C LEU B 78 -1.98 18.24 -10.86
N ARG B 79 -2.29 18.21 -12.14
CA ARG B 79 -2.45 19.42 -12.91
C ARG B 79 -3.92 19.54 -13.28
N ARG B 80 -4.25 20.61 -13.99
CA ARG B 80 -5.62 20.85 -14.42
C ARG B 80 -6.19 19.60 -15.08
N GLY B 81 -7.47 19.31 -14.79
CA GLY B 81 -8.07 18.12 -15.34
C GLY B 81 -8.97 17.46 -14.29
N ASP B 82 -9.57 16.36 -14.70
CA ASP B 82 -10.52 15.66 -13.90
C ASP B 82 -9.98 14.25 -13.74
N TYR B 83 -10.05 13.77 -12.52
CA TYR B 83 -9.56 12.46 -12.18
C TYR B 83 -10.69 11.69 -11.51
N ALA B 84 -11.23 10.70 -12.23
CA ALA B 84 -12.46 10.02 -11.87
C ALA B 84 -12.20 8.93 -10.81
N ASP B 85 -10.93 8.55 -10.64
CA ASP B 85 -10.49 7.52 -9.73
C ASP B 85 -9.12 7.94 -9.25
N HIS B 86 -8.73 7.47 -8.07
CA HIS B 86 -7.43 7.87 -7.53
C HIS B 86 -6.29 7.26 -8.34
N GLN B 87 -6.56 6.18 -9.08
CA GLN B 87 -5.52 5.59 -9.91
C GLN B 87 -5.05 6.58 -10.97
N GLN B 88 -5.94 7.50 -11.37
CA GLN B 88 -5.61 8.49 -12.39
C GLN B 88 -4.53 9.44 -11.91
N TRP B 89 -4.37 9.67 -10.59
CA TRP B 89 -3.21 10.46 -10.17
C TRP B 89 -2.11 9.58 -9.60
N MET B 90 -2.16 8.28 -9.90
CA MET B 90 -1.15 7.32 -9.48
C MET B 90 -1.29 7.07 -7.99
N GLY B 91 -2.48 7.37 -7.45
CA GLY B 91 -2.76 7.15 -6.05
C GLY B 91 -2.74 5.67 -5.72
N LEU B 92 -2.10 5.30 -4.61
CA LEU B 92 -2.03 3.90 -4.24
C LEU B 92 -3.04 3.59 -3.14
N SER B 93 -3.93 4.55 -2.88
CA SER B 93 -5.03 4.41 -1.94
C SER B 93 -5.88 5.65 -2.15
N ASP B 94 -6.98 5.76 -1.41
CA ASP B 94 -7.85 6.92 -1.47
C ASP B 94 -7.58 7.82 -0.26
N SER B 95 -6.44 7.65 0.38
CA SER B 95 -6.05 8.55 1.44
C SER B 95 -5.44 9.83 0.85
N VAL B 96 -6.11 10.95 1.05
CA VAL B 96 -5.59 12.26 0.70
C VAL B 96 -5.84 13.15 1.90
N ARG B 97 -4.77 13.47 2.65
CA ARG B 97 -4.96 14.07 3.96
C ARG B 97 -4.35 15.47 4.03
N SER B 98 -3.66 15.87 2.99
CA SER B 98 -3.22 17.25 2.93
C SER B 98 -3.02 17.58 1.47
N CYS B 99 -2.93 18.87 1.20
CA CYS B 99 -2.72 19.28 -0.17
C CYS B 99 -2.06 20.66 -0.16
N ARG B 100 -1.28 20.89 -1.20
CA ARG B 100 -0.56 22.14 -1.33
C ARG B 100 -0.82 22.64 -2.75
N LEU B 101 -1.18 23.92 -2.82
CA LEU B 101 -1.07 24.66 -4.07
C LEU B 101 0.41 24.99 -4.30
N ILE B 102 0.94 24.49 -5.40
CA ILE B 102 2.35 24.64 -5.67
C ILE B 102 2.53 26.02 -6.30
N PRO B 103 3.38 26.90 -5.73
CA PRO B 103 3.53 28.26 -6.25
C PRO B 103 3.91 28.27 -7.73
N HIS B 104 3.31 29.21 -8.46
CA HIS B 104 3.59 29.39 -9.88
C HIS B 104 5.01 29.94 -10.04
N SER B 105 5.72 29.52 -11.10
CA SER B 105 6.95 30.19 -11.47
C SER B 105 7.15 30.22 -12.99
N GLY B 106 7.70 31.35 -13.47
CA GLY B 106 7.94 31.56 -14.88
C GLY B 106 9.15 30.79 -15.39
N SER B 107 10.16 30.63 -14.51
CA SER B 107 11.41 29.97 -14.85
C SER B 107 11.74 28.84 -13.88
N HIS B 108 12.53 27.87 -14.37
CA HIS B 108 12.86 26.66 -13.63
C HIS B 108 14.35 26.38 -13.79
N ARG B 109 15.03 26.12 -12.69
CA ARG B 109 16.45 25.79 -12.75
C ARG B 109 16.80 24.93 -11.54
N ILE B 110 17.40 23.79 -11.82
CA ILE B 110 17.73 22.84 -10.80
C ILE B 110 19.12 22.28 -11.13
N ARG B 111 19.90 22.12 -10.06
CA ARG B 111 21.19 21.48 -10.15
C ARG B 111 21.14 20.20 -9.34
N LEU B 112 21.51 19.09 -9.96
CA LEU B 112 21.58 17.78 -9.32
C LEU B 112 23.03 17.39 -9.15
N TYR B 113 23.34 16.75 -8.02
CA TYR B 113 24.69 16.36 -7.73
C TYR B 113 24.78 14.86 -7.48
N GLU B 114 25.92 14.31 -7.93
CA GLU B 114 26.30 12.93 -7.69
C GLU B 114 26.37 12.63 -6.20
N ARG B 115 26.84 13.59 -5.39
CA ARG B 115 27.08 13.30 -3.99
C ARG B 115 26.39 14.34 -3.12
N GLU B 116 26.35 14.06 -1.81
CA GLU B 116 25.80 14.95 -0.81
C GLU B 116 26.53 16.29 -0.82
N ASP B 117 25.87 17.28 -0.23
CA ASP B 117 26.50 18.56 0.09
C ASP B 117 27.06 19.18 -1.18
N TYR B 118 26.39 18.96 -2.32
CA TYR B 118 26.74 19.64 -3.54
C TYR B 118 28.18 19.32 -3.91
N ARG B 119 28.55 18.03 -3.83
CA ARG B 119 29.85 17.56 -4.26
C ARG B 119 29.66 16.56 -5.39
N GLY B 120 30.76 16.29 -6.10
CA GLY B 120 30.75 15.38 -7.23
C GLY B 120 30.21 16.07 -8.48
N GLN B 121 29.97 15.25 -9.50
CA GLN B 121 29.45 15.74 -10.75
C GLN B 121 28.12 16.44 -10.51
N MET B 122 27.95 17.56 -11.19
CA MET B 122 26.73 18.34 -11.14
C MET B 122 26.16 18.31 -12.56
N ILE B 123 24.84 18.20 -12.70
CA ILE B 123 24.15 18.52 -13.94
C ILE B 123 23.06 19.54 -13.61
N GLU B 124 22.82 20.47 -14.54
CA GLU B 124 21.84 21.53 -14.34
C GLU B 124 20.75 21.34 -15.38
N PHE B 125 19.49 21.38 -14.93
CA PHE B 125 18.35 21.31 -15.83
C PHE B 125 17.55 22.60 -15.70
N THR B 126 17.03 23.07 -16.86
CA THR B 126 15.97 24.06 -16.89
C THR B 126 14.76 23.49 -17.64
N GLU B 127 14.83 22.22 -18.05
CA GLU B 127 13.79 21.56 -18.80
C GLU B 127 13.45 20.26 -18.08
N ASP B 128 12.39 19.59 -18.55
CA ASP B 128 11.97 18.31 -18.01
C ASP B 128 12.90 17.22 -18.51
N CYS B 129 12.92 16.09 -17.81
CA CYS B 129 13.81 15.01 -18.17
C CYS B 129 13.20 13.67 -17.78
N SER B 130 12.79 12.93 -18.82
CA SER B 130 12.02 11.72 -18.69
C SER B 130 12.93 10.54 -18.45
N LEU B 132 16.71 10.45 -16.56
CA LEU B 132 17.88 11.17 -16.07
C LEU B 132 19.17 10.51 -16.54
N GLN B 133 19.20 9.17 -16.60
CA GLN B 133 20.41 8.39 -16.80
C GLN B 133 20.95 8.47 -18.24
N ASP B 134 20.16 9.02 -19.18
CA ASP B 134 20.67 9.31 -20.50
C ASP B 134 21.69 10.44 -20.42
N ARG B 135 21.37 11.50 -19.66
CA ARG B 135 22.25 12.66 -19.59
C ARG B 135 23.20 12.62 -18.40
N PHE B 136 22.97 11.72 -17.44
CA PHE B 136 23.74 11.76 -16.22
C PHE B 136 23.86 10.35 -15.69
N ARG B 137 25.05 9.76 -15.80
CA ARG B 137 25.17 8.31 -15.70
C ARG B 137 25.38 7.92 -14.24
N PHE B 138 24.48 8.43 -13.37
CA PHE B 138 24.30 7.94 -12.02
C PHE B 138 22.81 7.64 -11.81
N ASN B 139 22.54 6.50 -11.16
CA ASN B 139 21.18 6.10 -10.83
C ASN B 139 20.66 6.85 -9.61
N GLU B 140 21.57 7.48 -8.87
CA GLU B 140 21.23 8.11 -7.62
C GLU B 140 21.68 9.55 -7.64
N ILE B 141 20.88 10.40 -7.00
CA ILE B 141 21.17 11.81 -6.81
C ILE B 141 21.23 12.06 -5.32
N HIS B 142 22.30 12.70 -4.85
CA HIS B 142 22.49 12.78 -3.42
C HIS B 142 22.33 14.19 -2.92
N SER B 143 22.19 15.16 -3.83
CA SER B 143 21.91 16.50 -3.38
C SER B 143 21.47 17.31 -4.57
N LEU B 144 20.81 18.42 -4.29
CA LEU B 144 20.34 19.24 -5.39
C LEU B 144 19.97 20.62 -4.85
N ASN B 145 20.06 21.59 -5.74
CA ASN B 145 19.81 22.97 -5.41
C ASN B 145 18.69 23.38 -6.35
N VAL B 146 17.53 23.74 -5.83
CA VAL B 146 16.48 24.21 -6.71
C VAL B 146 16.58 25.73 -6.72
N LEU B 147 17.06 26.29 -7.84
CA LEU B 147 17.38 27.71 -7.89
C LEU B 147 16.12 28.50 -8.23
N GLU B 148 15.39 27.98 -9.22
CA GLU B 148 14.18 28.60 -9.74
C GLU B 148 13.12 27.54 -9.92
N GLY B 149 11.91 27.84 -9.42
CA GLY B 149 10.73 27.08 -9.81
C GLY B 149 10.54 25.87 -8.90
N SER B 150 9.41 25.21 -9.11
CA SER B 150 9.10 23.96 -8.42
C SER B 150 9.21 22.83 -9.43
N TRP B 151 9.68 21.69 -8.93
CA TRP B 151 9.86 20.51 -9.74
C TRP B 151 9.21 19.34 -9.02
N VAL B 152 8.96 18.28 -9.78
CA VAL B 152 8.63 16.99 -9.24
C VAL B 152 9.70 16.02 -9.71
N LEU B 153 10.33 15.40 -8.71
CA LEU B 153 11.32 14.36 -8.91
C LEU B 153 10.58 13.04 -8.91
N TYR B 154 11.01 12.07 -9.73
CA TYR B 154 10.34 10.79 -9.85
C TYR B 154 11.38 9.70 -9.65
N GLU B 155 10.99 8.66 -8.95
CA GLU B 155 11.87 7.57 -8.62
C GLU B 155 12.33 6.89 -9.90
N LEU B 156 11.41 6.73 -10.86
CA LEU B 156 11.69 5.97 -12.06
C LEU B 156 11.65 6.88 -13.28
N SER B 157 12.05 6.29 -14.41
CA SER B 157 11.98 6.96 -15.69
C SER B 157 10.53 7.15 -16.07
N ASN B 158 10.30 8.12 -16.94
CA ASN B 158 8.99 8.39 -17.53
C ASN B 158 7.98 8.66 -16.43
N TYR B 159 8.42 9.40 -15.39
CA TYR B 159 7.50 10.02 -14.46
C TYR B 159 6.64 8.94 -13.79
N ARG B 160 7.27 7.84 -13.39
CA ARG B 160 6.63 6.76 -12.67
C ARG B 160 7.31 6.58 -11.32
N GLY B 161 6.68 5.77 -10.46
CA GLY B 161 7.18 5.52 -9.13
C GLY B 161 6.92 6.70 -8.20
N ARG B 162 7.63 6.72 -7.07
CA ARG B 162 7.39 7.73 -6.05
C ARG B 162 7.72 9.11 -6.61
N GLN B 163 6.95 10.11 -6.18
CA GLN B 163 7.10 11.47 -6.66
C GLN B 163 7.50 12.34 -5.49
N TYR B 164 8.41 13.29 -5.72
CA TYR B 164 8.82 14.22 -4.68
C TYR B 164 8.71 15.63 -5.22
N LEU B 165 7.90 16.44 -4.56
CA LEU B 165 7.82 17.86 -4.84
C LEU B 165 9.08 18.54 -4.33
N LEU B 166 9.68 19.37 -5.19
CA LEU B 166 10.82 20.17 -4.81
C LEU B 166 10.46 21.63 -5.04
N MET B 167 10.59 22.42 -4.00
CA MET B 167 10.40 23.85 -4.11
C MET B 167 11.76 24.56 -3.96
N PRO B 168 11.86 25.83 -4.38
CA PRO B 168 13.13 26.54 -4.33
C PRO B 168 13.80 26.37 -2.97
N GLY B 169 15.09 26.06 -2.99
CA GLY B 169 15.79 25.85 -1.74
C GLY B 169 16.97 24.90 -1.94
N ASP B 170 17.63 24.59 -0.84
CA ASP B 170 18.80 23.73 -0.82
C ASP B 170 18.39 22.38 -0.27
N TYR B 171 18.79 21.31 -0.98
CA TYR B 171 18.58 19.93 -0.56
C TYR B 171 19.93 19.22 -0.57
N ARG B 172 20.55 19.19 0.61
CA ARG B 172 21.93 18.79 0.75
C ARG B 172 22.03 17.26 0.84
N ARG B 173 20.89 16.60 1.05
CA ARG B 173 20.82 15.15 1.05
C ARG B 173 19.40 14.68 0.69
N TYR B 174 19.30 13.43 0.24
CA TYR B 174 18.07 12.95 -0.37
C TYR B 174 16.92 13.00 0.65
N GLN B 175 17.25 12.99 1.93
CA GLN B 175 16.21 12.97 2.96
C GLN B 175 15.46 14.29 2.96
N ASP B 176 16.11 15.37 2.50
CA ASP B 176 15.53 16.69 2.57
C ASP B 176 14.37 16.84 1.60
N TRP B 177 14.24 15.95 0.62
CA TRP B 177 13.08 16.02 -0.25
C TRP B 177 12.10 14.88 0.00
N GLY B 178 12.25 14.22 1.16
CA GLY B 178 11.22 13.35 1.70
C GLY B 178 11.43 11.92 1.24
N ALA B 179 12.62 11.61 0.70
CA ALA B 179 12.88 10.32 0.11
C ALA B 179 13.60 9.44 1.12
N THR B 180 13.50 8.12 0.94
CA THR B 180 14.24 7.16 1.72
C THR B 180 15.37 6.53 0.90
N ASN B 181 15.43 6.83 -0.41
CA ASN B 181 16.62 6.48 -1.18
C ASN B 181 16.87 7.59 -2.20
N ALA B 182 18.00 7.49 -2.87
CA ALA B 182 18.50 8.53 -3.72
C ALA B 182 18.15 8.23 -5.17
N ARG B 183 17.31 7.22 -5.40
CA ARG B 183 17.00 6.82 -6.77
C ARG B 183 16.12 7.90 -7.37
N VAL B 184 16.54 8.35 -8.54
CA VAL B 184 15.81 9.33 -9.30
C VAL B 184 15.95 8.92 -10.76
N GLY B 185 14.83 8.90 -11.47
CA GLY B 185 14.84 8.41 -12.85
C GLY B 185 14.37 9.51 -13.80
N SER B 186 13.62 10.47 -13.27
CA SER B 186 13.07 11.52 -14.12
C SER B 186 12.71 12.72 -13.26
N LEU B 187 12.53 13.87 -13.90
CA LEU B 187 12.06 15.04 -13.19
C LEU B 187 11.35 15.97 -14.16
N ARG B 188 10.39 16.71 -13.63
CA ARG B 188 9.65 17.61 -14.46
C ARG B 188 9.40 18.89 -13.68
N ARG B 189 9.24 19.96 -14.46
CA ARG B 189 8.89 21.24 -13.89
C ARG B 189 7.41 21.24 -13.54
N VAL B 190 7.11 21.98 -12.49
CA VAL B 190 5.73 22.32 -12.18
C VAL B 190 5.37 23.58 -12.96
N ILE B 191 4.61 23.36 -14.03
CA ILE B 191 4.26 24.40 -14.97
C ILE B 191 2.90 24.06 -15.59
N ASP B 192 2.24 25.07 -16.20
CA ASP B 192 0.89 24.98 -16.78
C ASP B 192 0.31 23.56 -16.65
#